data_3TNH
#
_entry.id   3TNH
#
_cell.length_a   173.300
_cell.length_b   173.300
_cell.length_c   97.220
_cell.angle_alpha   90.00
_cell.angle_beta   90.00
_cell.angle_gamma   120.00
#
_symmetry.space_group_name_H-M   'H 3'
#
loop_
_entity.id
_entity.type
_entity.pdbx_description
1 polymer 'Cyclin-dependent kinase 9'
2 polymer Cyclin-T1
3 non-polymer 4-[(E)-(3,5-DIAMINO-1H-PYRAZOL-4-YL)DIAZENYL]PHENOL
#
loop_
_entity_poly.entity_id
_entity_poly.type
_entity_poly.pdbx_seq_one_letter_code
_entity_poly.pdbx_strand_id
1 'polypeptide(L)'
;GPAKQYDSVECPFCDEVSKYEKLAKIGQGTFGEVFKARHRKTGQKVALKKVLMENEKEGFPITALREIKILQLLKHENVV
NLIEICRTKASPYNRCKGSIYLVFDFCEHDLAGLLSNVLVKFTLSEIKRVMQMLLNGLYYIHRNKILHRDMKAANVLITR
DGVLKLADFGLARAFSLAKNSQPNRY(TPO)NRVVTLWYRPPELLLGERDYGPPIDLWGAGCIMAEMWTRSPIMQGNTEQ
HQLALISQLCGSITPEVWPNVDNYELYEKLELVKGQKRKVKDRLKAYVRDPYALDLIDKLLVLDPAQRIDSDDALNHDFF
WSDPMPSDLKGMLST
;
A
2 'polypeptide(L)'
;MEGERKNNNKRWYFTREQLENSPSRRFGVDPDKELSYRQQAANLLQDMGQRLNVSQLTINTAIVYMHRFYMIQSFTQFPG
NSVAPAALFLAAKVEEQPKKLEHVIKVAHTCLHPQESLPDTRSEAYLQQVQDLVILESIILQTLGFELTIDHPHTHVVKC
TQLVRASKDLAQTSYFMATNSLHLTTFSLQYTPPVVACVCIHLACKWSNWEIPVSTDGKHWWEYVDATVTLELLDELTHE
LLQILEKTPNRLKRIWNWR
;
B
#
# COMPACT_ATOMS: atom_id res chain seq x y z
N VAL A 9 -21.31 18.19 -4.16
CA VAL A 9 -19.88 17.93 -3.87
C VAL A 9 -19.11 17.33 -5.09
N GLU A 10 -18.08 18.03 -5.58
CA GLU A 10 -17.30 17.56 -6.74
C GLU A 10 -16.45 16.33 -6.58
N CYS A 11 -16.28 15.58 -7.67
CA CYS A 11 -15.55 14.32 -7.56
C CYS A 11 -14.86 13.80 -8.83
N PRO A 12 -13.91 14.59 -9.37
CA PRO A 12 -13.19 14.42 -10.63
C PRO A 12 -12.51 13.07 -10.76
N PHE A 13 -12.14 12.44 -9.63
CA PHE A 13 -11.23 11.29 -9.65
C PHE A 13 -11.82 10.02 -9.03
N CYS A 14 -13.12 10.00 -8.76
CA CYS A 14 -13.74 8.75 -8.31
C CYS A 14 -15.05 8.59 -9.08
N ASP A 15 -15.07 7.69 -10.09
CA ASP A 15 -16.26 7.53 -10.94
C ASP A 15 -17.36 6.71 -10.30
N GLU A 16 -18.60 6.98 -10.68
CA GLU A 16 -19.70 6.20 -10.15
C GLU A 16 -19.63 4.81 -10.77
N VAL A 17 -19.82 3.78 -9.94
CA VAL A 17 -19.68 2.41 -10.39
C VAL A 17 -20.78 2.01 -11.42
N SER A 18 -21.82 2.84 -11.52
CA SER A 18 -22.86 2.68 -12.54
C SER A 18 -22.28 2.66 -13.96
N LYS A 19 -21.05 3.10 -14.15
CA LYS A 19 -20.44 3.03 -15.45
C LYS A 19 -20.33 1.57 -15.91
N TYR A 20 -20.30 0.64 -14.93
CA TYR A 20 -20.29 -0.81 -15.17
C TYR A 20 -21.66 -1.42 -14.93
N GLU A 21 -21.97 -2.46 -15.70
CA GLU A 21 -23.23 -3.18 -15.65
C GLU A 21 -22.96 -4.57 -15.06
N LYS A 22 -23.55 -4.87 -13.91
CA LYS A 22 -23.33 -6.14 -13.18
C LYS A 22 -23.86 -7.38 -13.94
N LEU A 23 -22.99 -8.36 -14.15
CA LEU A 23 -23.36 -9.58 -14.84
C LEU A 23 -23.61 -10.82 -13.96
N ALA A 24 -22.76 -11.07 -12.96
CA ALA A 24 -22.87 -12.32 -12.20
C ALA A 24 -21.98 -12.32 -10.97
N LYS A 25 -22.54 -12.71 -9.82
CA LYS A 25 -21.73 -12.95 -8.63
C LYS A 25 -20.75 -14.08 -8.93
N ILE A 26 -19.44 -13.80 -8.90
CA ILE A 26 -18.43 -14.84 -9.11
C ILE A 26 -17.21 -14.82 -8.20
N GLY A 27 -17.40 -14.93 -6.90
CA GLY A 27 -18.71 -15.14 -6.28
C GLY A 27 -18.50 -14.80 -4.82
N GLN A 28 -19.48 -15.11 -3.97
CA GLN A 28 -19.25 -14.95 -2.52
C GLN A 28 -18.43 -16.17 -2.04
N GLY A 29 -18.37 -17.21 -2.86
CA GLY A 29 -17.62 -18.40 -2.53
C GLY A 29 -16.12 -18.17 -2.53
N THR A 30 -15.69 -16.99 -2.99
CA THR A 30 -14.26 -16.69 -3.13
C THR A 30 -13.69 -15.66 -2.14
N PHE A 31 -14.16 -15.73 -0.89
CA PHE A 31 -13.78 -14.78 0.16
C PHE A 31 -14.66 -13.50 0.21
N GLY A 32 -15.72 -13.41 -0.60
CA GLY A 32 -16.48 -12.15 -0.62
C GLY A 32 -17.28 -11.74 -1.84
N GLU A 33 -17.74 -10.49 -1.85
CA GLU A 33 -18.64 -9.97 -2.89
C GLU A 33 -17.96 -9.41 -4.13
N VAL A 34 -17.63 -10.31 -5.05
CA VAL A 34 -17.01 -10.00 -6.34
C VAL A 34 -17.97 -10.33 -7.50
N PHE A 35 -18.22 -9.34 -8.37
CA PHE A 35 -19.16 -9.45 -9.49
C PHE A 35 -18.41 -9.39 -10.79
N LYS A 36 -18.84 -10.16 -11.78
CA LYS A 36 -18.39 -9.88 -13.14
C LYS A 36 -19.28 -8.78 -13.65
N ALA A 37 -18.67 -7.80 -14.31
CA ALA A 37 -19.44 -6.68 -14.86
C ALA A 37 -18.86 -6.17 -16.19
N ARG A 38 -19.62 -5.29 -16.85
CA ARG A 38 -19.38 -4.90 -18.23
C ARG A 38 -19.35 -3.39 -18.37
N HIS A 39 -18.29 -2.81 -18.90
CA HIS A 39 -18.32 -1.37 -19.11
C HIS A 39 -19.46 -1.02 -20.07
N ARG A 40 -20.30 -0.07 -19.67
CA ARG A 40 -21.54 0.17 -20.41
C ARG A 40 -21.34 0.71 -21.80
N LYS A 41 -20.12 1.19 -22.10
CA LYS A 41 -19.82 1.79 -23.39
C LYS A 41 -19.00 0.92 -24.35
N THR A 42 -18.07 0.17 -23.76
CA THR A 42 -17.05 -0.57 -24.52
C THR A 42 -17.19 -2.08 -24.40
N GLY A 43 -17.93 -2.51 -23.40
CA GLY A 43 -18.16 -3.92 -23.20
C GLY A 43 -17.01 -4.55 -22.45
N GLN A 44 -15.98 -3.77 -22.16
CA GLN A 44 -14.82 -4.31 -21.47
C GLN A 44 -15.26 -5.01 -20.19
N LYS A 45 -14.87 -6.27 -20.03
CA LYS A 45 -15.24 -7.00 -18.83
C LYS A 45 -14.34 -6.68 -17.65
N VAL A 46 -14.95 -6.54 -16.47
CA VAL A 46 -14.22 -6.25 -15.24
C VAL A 46 -14.76 -7.06 -14.05
N ALA A 47 -13.99 -7.04 -12.97
CA ALA A 47 -14.38 -7.60 -11.69
C ALA A 47 -14.59 -6.48 -10.70
N LEU A 48 -15.74 -6.46 -10.05
CA LEU A 48 -16.04 -5.46 -9.04
C LEU A 48 -16.00 -6.10 -7.66
N LYS A 49 -15.14 -5.57 -6.80
CA LYS A 49 -15.03 -6.05 -5.44
C LYS A 49 -15.57 -4.96 -4.48
N LYS A 50 -16.68 -5.25 -3.80
CA LYS A 50 -17.29 -4.26 -2.92
C LYS A 50 -16.43 -4.25 -1.67
N VAL A 51 -16.25 -3.06 -1.10
CA VAL A 51 -15.60 -2.93 0.21
C VAL A 51 -16.64 -3.09 1.29
N LEU A 52 -16.60 -4.26 1.93
CA LEU A 52 -17.58 -4.67 2.94
C LEU A 52 -17.45 -3.88 4.22
N MET A 53 -18.59 -3.48 4.78
CA MET A 53 -18.64 -2.53 5.90
C MET A 53 -19.43 -2.98 7.14
N GLU A 54 -19.76 -4.26 7.22
CA GLU A 54 -20.34 -4.78 8.45
C GLU A 54 -19.26 -4.80 9.53
N ASN A 55 -19.62 -4.33 10.72
CA ASN A 55 -18.69 -4.31 11.85
C ASN A 55 -17.44 -3.49 11.50
N GLU A 56 -17.66 -2.42 10.74
CA GLU A 56 -16.61 -1.47 10.46
C GLU A 56 -16.87 -0.24 11.31
N LYS A 57 -16.29 -0.28 12.49
CA LYS A 57 -16.46 0.72 13.54
C LYS A 57 -15.44 1.89 13.49
N GLU A 58 -14.48 1.76 12.58
CA GLU A 58 -13.37 2.68 12.49
C GLU A 58 -13.26 3.26 11.12
N GLY A 59 -14.39 3.72 10.59
CA GLY A 59 -14.42 4.27 9.26
C GLY A 59 -13.96 3.32 8.16
N PHE A 60 -13.41 3.90 7.09
CA PHE A 60 -12.94 3.13 5.95
C PHE A 60 -11.89 2.15 6.38
N PRO A 61 -12.16 0.86 6.12
CA PRO A 61 -11.38 -0.28 6.57
C PRO A 61 -9.93 -0.13 6.22
N ILE A 62 -9.12 -0.21 7.27
CA ILE A 62 -7.68 -0.09 7.15
C ILE A 62 -7.17 -1.17 6.21
N THR A 63 -7.91 -2.27 6.13
CA THR A 63 -7.55 -3.35 5.22
C THR A 63 -7.75 -3.00 3.77
N ALA A 64 -8.81 -2.24 3.47
CA ALA A 64 -9.06 -1.79 2.09
C ALA A 64 -7.97 -0.82 1.72
N LEU A 65 -7.57 -0.02 2.69
CA LEU A 65 -6.47 0.91 2.50
C LEU A 65 -5.18 0.16 2.15
N ARG A 66 -4.82 -0.96 2.83
CA ARG A 66 -3.55 -1.62 2.45
C ARG A 66 -3.59 -2.21 1.07
N GLU A 67 -4.67 -2.92 0.78
CA GLU A 67 -4.78 -3.59 -0.49
C GLU A 67 -4.78 -2.55 -1.60
N ILE A 68 -5.60 -1.52 -1.46
CA ILE A 68 -5.57 -0.45 -2.45
C ILE A 68 -4.15 0.16 -2.56
N LYS A 69 -3.49 0.38 -1.42
CA LYS A 69 -2.14 0.97 -1.42
C LYS A 69 -1.19 0.06 -2.19
N ILE A 70 -1.29 -1.22 -1.90
CA ILE A 70 -0.50 -2.28 -2.50
C ILE A 70 -0.69 -2.59 -3.99
N LEU A 71 -1.95 -2.77 -4.39
CA LEU A 71 -2.33 -2.97 -5.78
C LEU A 71 -1.94 -1.82 -6.67
N GLN A 72 -1.96 -0.61 -6.11
CA GLN A 72 -1.63 0.60 -6.84
C GLN A 72 -0.16 0.60 -7.19
N LEU A 73 0.60 -0.05 -6.32
CA LEU A 73 2.04 -0.22 -6.44
C LEU A 73 2.43 -1.29 -7.40
N LEU A 74 1.77 -2.44 -7.31
CA LEU A 74 2.13 -3.64 -8.05
C LEU A 74 1.52 -3.64 -9.44
N LYS A 75 2.40 -3.37 -10.39
CA LYS A 75 2.04 -3.35 -11.78
C LYS A 75 2.90 -4.31 -12.59
N HIS A 76 2.33 -5.47 -12.94
CA HIS A 76 3.12 -6.57 -13.51
C HIS A 76 2.22 -7.61 -14.27
N GLU A 77 2.72 -8.23 -15.34
CA GLU A 77 1.94 -9.19 -16.15
C GLU A 77 1.32 -10.33 -15.33
N ASN A 78 1.97 -10.68 -14.22
CA ASN A 78 1.47 -11.75 -13.35
C ASN A 78 0.85 -11.31 -11.99
N VAL A 79 0.41 -10.06 -11.91
CA VAL A 79 -0.32 -9.55 -10.77
C VAL A 79 -1.63 -8.95 -11.27
N VAL A 80 -2.73 -9.25 -10.58
CA VAL A 80 -4.05 -8.79 -11.01
C VAL A 80 -3.97 -7.29 -11.17
N ASN A 81 -4.80 -6.73 -12.06
CA ASN A 81 -4.72 -5.30 -12.36
C ASN A 81 -5.85 -4.47 -11.82
N LEU A 82 -5.55 -3.59 -10.87
CA LEU A 82 -6.53 -2.65 -10.35
C LEU A 82 -6.68 -1.49 -11.32
N ILE A 83 -7.86 -1.31 -11.89
CA ILE A 83 -8.14 -0.27 -12.89
C ILE A 83 -8.43 1.10 -12.27
N GLU A 84 -9.29 1.10 -11.26
CA GLU A 84 -9.72 2.32 -10.63
C GLU A 84 -10.53 1.95 -9.41
N ILE A 85 -10.87 2.97 -8.61
CA ILE A 85 -11.79 2.76 -7.50
C ILE A 85 -13.10 3.54 -7.72
N CYS A 86 -14.23 2.89 -7.48
CA CYS A 86 -15.53 3.47 -7.79
C CYS A 86 -16.44 3.61 -6.56
N ARG A 87 -17.28 4.65 -6.59
CA ARG A 87 -18.23 4.93 -5.53
C ARG A 87 -19.63 4.71 -6.08
N THR A 88 -20.64 5.05 -5.28
CA THR A 88 -22.03 4.95 -5.67
C THR A 88 -22.78 6.17 -5.15
N SER A 99 -21.46 2.85 -1.01
CA SER A 99 -20.34 1.86 -1.04
C SER A 99 -19.12 2.24 -1.89
N ILE A 100 -18.12 1.38 -1.89
CA ILE A 100 -16.91 1.66 -2.65
C ILE A 100 -16.50 0.34 -3.31
N TYR A 101 -16.02 0.42 -4.54
CA TYR A 101 -15.71 -0.79 -5.25
C TYR A 101 -14.30 -0.66 -5.80
N LEU A 102 -13.54 -1.75 -5.67
CA LEU A 102 -12.29 -1.92 -6.37
C LEU A 102 -12.64 -2.52 -7.72
N VAL A 103 -12.20 -1.90 -8.82
CA VAL A 103 -12.47 -2.44 -10.15
C VAL A 103 -11.27 -3.10 -10.79
N PHE A 104 -11.32 -4.41 -11.08
CA PHE A 104 -10.19 -5.10 -11.74
C PHE A 104 -10.47 -5.56 -13.16
N ASP A 105 -9.44 -5.57 -14.00
CA ASP A 105 -9.53 -6.30 -15.25
C ASP A 105 -9.99 -7.73 -14.95
N PHE A 106 -11.02 -8.20 -15.65
CA PHE A 106 -11.62 -9.53 -15.42
C PHE A 106 -10.71 -10.62 -15.97
N CYS A 107 -10.65 -11.74 -15.27
CA CYS A 107 -9.86 -12.94 -15.63
C CYS A 107 -10.79 -14.12 -15.58
N GLU A 108 -10.89 -14.87 -16.68
CA GLU A 108 -11.95 -15.89 -16.81
C GLU A 108 -11.79 -17.06 -15.82
N HIS A 109 -10.59 -17.59 -15.69
CA HIS A 109 -10.34 -18.80 -14.89
C HIS A 109 -9.58 -18.54 -13.60
N ASP A 110 -9.55 -19.54 -12.73
CA ASP A 110 -8.71 -19.51 -11.54
C ASP A 110 -8.16 -20.91 -11.31
N LEU A 111 -6.87 -21.01 -10.94
CA LEU A 111 -6.24 -22.31 -10.79
C LEU A 111 -7.07 -23.36 -10.07
N ALA A 112 -7.77 -22.95 -9.02
CA ALA A 112 -8.62 -23.87 -8.26
C ALA A 112 -9.77 -24.50 -9.07
N GLY A 113 -10.47 -23.67 -9.85
CA GLY A 113 -11.57 -24.10 -10.70
C GLY A 113 -11.06 -25.07 -11.75
N LEU A 114 -9.98 -24.68 -12.42
CA LEU A 114 -9.37 -25.52 -13.44
C LEU A 114 -8.85 -26.83 -12.88
N LEU A 115 -8.31 -26.80 -11.67
CA LEU A 115 -7.77 -28.03 -11.14
C LEU A 115 -8.87 -29.00 -10.68
N SER A 116 -10.02 -28.45 -10.29
CA SER A 116 -11.17 -29.26 -9.85
C SER A 116 -12.11 -29.64 -10.99
N ASN A 117 -11.68 -29.45 -12.22
CA ASN A 117 -12.53 -29.75 -13.36
C ASN A 117 -11.88 -30.83 -14.19
N VAL A 118 -12.49 -32.01 -14.15
CA VAL A 118 -11.99 -33.22 -14.80
C VAL A 118 -11.82 -33.09 -16.33
N LEU A 119 -12.60 -32.21 -16.95
CA LEU A 119 -12.47 -31.96 -18.39
C LEU A 119 -11.18 -31.20 -18.74
N VAL A 120 -10.69 -30.39 -17.80
CA VAL A 120 -9.43 -29.67 -17.98
C VAL A 120 -8.22 -30.57 -17.87
N LYS A 121 -7.28 -30.46 -18.79
CA LYS A 121 -6.10 -31.32 -18.75
C LYS A 121 -4.84 -30.50 -19.07
N PHE A 122 -3.85 -30.54 -18.18
CA PHE A 122 -2.60 -29.83 -18.42
C PHE A 122 -1.56 -30.79 -18.95
N THR A 123 -0.82 -30.38 -19.98
CA THR A 123 0.35 -31.15 -20.41
C THR A 123 1.54 -30.75 -19.55
N LEU A 124 2.59 -31.56 -19.49
CA LEU A 124 3.76 -31.17 -18.72
C LEU A 124 4.26 -29.79 -19.19
N SER A 125 4.12 -29.55 -20.48
CA SER A 125 4.66 -28.35 -21.08
C SER A 125 3.91 -27.15 -20.53
N GLU A 126 2.63 -27.33 -20.28
CA GLU A 126 1.78 -26.25 -19.77
C GLU A 126 1.93 -26.01 -18.29
N ILE A 127 2.05 -27.08 -17.51
CA ILE A 127 2.34 -26.95 -16.07
C ILE A 127 3.60 -26.11 -15.81
N LYS A 128 4.64 -26.31 -16.60
CA LYS A 128 5.84 -25.50 -16.47
C LYS A 128 5.51 -24.02 -16.58
N ARG A 129 4.69 -23.68 -17.55
CA ARG A 129 4.37 -22.29 -17.83
C ARG A 129 3.54 -21.67 -16.67
N VAL A 130 2.53 -22.40 -16.19
CA VAL A 130 1.74 -21.94 -15.05
C VAL A 130 2.65 -21.62 -13.87
N MET A 131 3.52 -22.56 -13.49
CA MET A 131 4.48 -22.32 -12.42
C MET A 131 5.47 -21.18 -12.68
N GLN A 132 5.84 -21.01 -13.94
CA GLN A 132 6.78 -19.98 -14.33
C GLN A 132 6.16 -18.60 -14.12
N MET A 133 4.91 -18.44 -14.55
CA MET A 133 4.24 -17.18 -14.35
C MET A 133 4.07 -16.93 -12.86
N LEU A 134 3.63 -17.94 -12.11
CA LEU A 134 3.42 -17.80 -10.67
C LEU A 134 4.70 -17.37 -9.93
N LEU A 135 5.79 -18.09 -10.17
CA LEU A 135 7.06 -17.77 -9.54
C LEU A 135 7.57 -16.37 -9.92
N ASN A 136 7.27 -15.94 -11.13
CA ASN A 136 7.64 -14.61 -11.56
C ASN A 136 6.81 -13.49 -10.87
N GLY A 137 5.52 -13.73 -10.69
CA GLY A 137 4.67 -12.82 -9.94
C GLY A 137 5.21 -12.72 -8.53
N LEU A 138 5.47 -13.86 -7.89
CA LEU A 138 6.06 -13.82 -6.55
C LEU A 138 7.42 -13.08 -6.51
N TYR A 139 8.31 -13.38 -7.44
CA TYR A 139 9.60 -12.71 -7.43
C TYR A 139 9.43 -11.21 -7.43
N TYR A 140 8.49 -10.75 -8.25
CA TYR A 140 8.16 -9.33 -8.40
C TYR A 140 7.59 -8.68 -7.17
N ILE A 141 6.58 -9.31 -6.56
CA ILE A 141 5.91 -8.73 -5.39
C ILE A 141 6.87 -8.69 -4.19
N HIS A 142 7.68 -9.73 -4.06
CA HIS A 142 8.65 -9.76 -2.99
C HIS A 142 9.68 -8.69 -3.21
N ARG A 143 10.12 -8.58 -4.46
CA ARG A 143 11.08 -7.56 -4.85
C ARG A 143 10.59 -6.16 -4.44
N ASN A 144 9.27 -6.03 -4.33
CA ASN A 144 8.65 -4.78 -3.93
C ASN A 144 8.25 -4.73 -2.47
N LYS A 145 8.84 -5.62 -1.69
CA LYS A 145 8.74 -5.63 -0.24
C LYS A 145 7.31 -5.96 0.17
N ILE A 146 6.64 -6.79 -0.62
CA ILE A 146 5.27 -7.19 -0.29
C ILE A 146 5.20 -8.69 -0.05
N LEU A 147 4.51 -9.10 1.01
CA LEU A 147 4.18 -10.50 1.21
C LEU A 147 2.70 -10.72 0.88
N HIS A 148 2.39 -11.75 0.08
CA HIS A 148 1.01 -11.99 -0.33
C HIS A 148 0.23 -12.58 0.82
N ARG A 149 0.83 -13.56 1.48
CA ARG A 149 0.31 -14.09 2.74
C ARG A 149 -0.96 -14.89 2.59
N ASP A 150 -1.41 -15.09 1.36
CA ASP A 150 -2.58 -15.92 1.15
C ASP A 150 -2.42 -16.75 -0.14
N MET A 151 -1.24 -17.31 -0.36
CA MET A 151 -1.01 -18.18 -1.51
C MET A 151 -1.91 -19.40 -1.50
N LYS A 152 -2.76 -19.55 -2.50
CA LYS A 152 -3.52 -20.79 -2.64
C LYS A 152 -4.07 -20.84 -4.04
N ALA A 153 -4.39 -22.04 -4.52
CA ALA A 153 -4.84 -22.17 -5.90
C ALA A 153 -5.99 -21.23 -6.25
N ALA A 154 -6.95 -21.07 -5.36
CA ALA A 154 -8.13 -20.26 -5.65
C ALA A 154 -7.85 -18.75 -5.79
N ASN A 155 -6.68 -18.31 -5.31
CA ASN A 155 -6.20 -16.94 -5.48
C ASN A 155 -5.27 -16.71 -6.71
N VAL A 156 -5.00 -17.75 -7.47
CA VAL A 156 -4.25 -17.64 -8.73
C VAL A 156 -5.22 -17.61 -9.90
N LEU A 157 -5.25 -16.51 -10.63
CA LEU A 157 -6.16 -16.37 -11.78
C LEU A 157 -5.41 -16.65 -13.07
N ILE A 158 -6.15 -17.05 -14.10
CA ILE A 158 -5.58 -17.19 -15.44
C ILE A 158 -6.53 -16.51 -16.44
N THR A 159 -6.02 -15.63 -17.29
CA THR A 159 -6.90 -14.86 -18.17
C THR A 159 -7.34 -15.72 -19.32
N ARG A 160 -8.38 -15.25 -20.01
CA ARG A 160 -8.95 -16.00 -21.15
C ARG A 160 -7.89 -16.41 -22.15
N ASP A 161 -6.76 -15.68 -22.16
CA ASP A 161 -5.65 -15.87 -23.08
C ASP A 161 -4.48 -16.62 -22.48
N GLY A 162 -4.67 -17.20 -21.30
CA GLY A 162 -3.65 -18.04 -20.69
C GLY A 162 -2.53 -17.32 -19.94
N VAL A 163 -2.80 -16.08 -19.51
CA VAL A 163 -1.92 -15.31 -18.62
C VAL A 163 -2.34 -15.40 -17.16
N LEU A 164 -1.43 -15.89 -16.32
CA LEU A 164 -1.63 -16.05 -14.88
C LEU A 164 -1.49 -14.76 -14.05
N LYS A 165 -2.44 -14.53 -13.15
CA LYS A 165 -2.40 -13.35 -12.29
C LYS A 165 -2.60 -13.75 -10.85
N LEU A 166 -1.72 -13.29 -9.96
CA LEU A 166 -1.96 -13.39 -8.52
C LEU A 166 -3.01 -12.39 -8.05
N ALA A 167 -3.97 -12.87 -7.24
CA ALA A 167 -5.08 -12.03 -6.81
C ALA A 167 -5.35 -12.14 -5.30
N ASP A 168 -6.23 -11.30 -4.80
CA ASP A 168 -6.65 -11.30 -3.40
C ASP A 168 -5.47 -10.96 -2.48
N PHE A 169 -5.20 -9.65 -2.47
CA PHE A 169 -4.14 -9.07 -1.67
C PHE A 169 -4.67 -8.51 -0.38
N GLY A 170 -5.84 -8.98 0.00
CA GLY A 170 -6.49 -8.47 1.19
C GLY A 170 -5.79 -8.81 2.49
N LEU A 171 -4.91 -9.81 2.47
CA LEU A 171 -4.11 -10.11 3.66
C LEU A 171 -2.67 -9.75 3.39
N ALA A 172 -2.39 -9.26 2.18
CA ALA A 172 -1.04 -8.88 1.88
C ALA A 172 -0.65 -7.65 2.69
N ARG A 173 0.66 -7.45 2.81
CA ARG A 173 1.26 -6.38 3.59
C ARG A 173 2.71 -6.22 3.15
N ALA A 174 3.21 -4.99 3.25
CA ALA A 174 4.64 -4.68 3.05
C ALA A 174 5.54 -5.26 4.16
N PHE A 175 6.78 -5.62 3.82
CA PHE A 175 7.77 -6.10 4.80
C PHE A 175 9.08 -5.37 4.60
N SER A 176 10.03 -5.58 5.53
CA SER A 176 11.36 -4.92 5.49
C SER A 176 12.42 -5.61 6.38
N ASN A 184 11.21 -8.06 13.70
CA ASN A 184 9.87 -7.86 13.14
C ASN A 184 8.80 -8.60 13.92
N ARG A 185 7.65 -7.96 14.14
CA ARG A 185 6.52 -8.65 14.76
C ARG A 185 5.28 -8.66 13.89
N TYR A 186 5.33 -9.40 12.79
CA TYR A 186 4.18 -9.52 11.90
C TYR A 186 3.14 -10.44 12.48
N ASN A 188 0.42 -13.42 13.08
CA ASN A 188 0.57 -14.86 12.82
C ASN A 188 -0.70 -15.53 12.27
N ARG A 189 -1.81 -14.79 12.26
CA ARG A 189 -3.08 -15.29 11.70
C ARG A 189 -3.11 -15.15 10.19
N VAL A 190 -2.11 -15.69 9.52
CA VAL A 190 -1.95 -15.53 8.07
C VAL A 190 -1.80 -16.85 7.31
N VAL A 191 -2.37 -16.86 6.11
CA VAL A 191 -2.27 -17.95 5.15
C VAL A 191 -3.31 -18.99 5.51
N THR A 192 -4.10 -19.38 4.52
CA THR A 192 -5.08 -20.44 4.69
C THR A 192 -4.40 -21.67 5.26
N LEU A 193 -5.09 -22.38 6.14
CA LEU A 193 -4.46 -23.50 6.83
C LEU A 193 -3.69 -24.49 5.96
N TRP A 194 -4.28 -24.95 4.86
CA TRP A 194 -3.65 -26.03 4.10
C TRP A 194 -2.34 -25.63 3.42
N TYR A 195 -2.18 -24.33 3.19
CA TYR A 195 -1.03 -23.79 2.48
C TYR A 195 -0.05 -23.16 3.43
N ARG A 196 -0.40 -23.13 4.72
CA ARG A 196 0.44 -22.46 5.71
C ARG A 196 1.69 -23.25 6.03
N PRO A 197 2.84 -22.57 5.99
CA PRO A 197 4.19 -23.08 6.21
C PRO A 197 4.48 -23.39 7.67
N PRO A 198 5.45 -24.28 7.94
CA PRO A 198 5.89 -24.65 9.29
C PRO A 198 6.16 -23.43 10.14
N GLU A 199 6.92 -22.44 9.66
CA GLU A 199 7.23 -21.28 10.48
C GLU A 199 6.02 -20.77 11.24
N LEU A 200 4.97 -20.45 10.49
CA LEU A 200 3.74 -19.89 11.05
C LEU A 200 3.00 -20.83 12.01
N LEU A 201 2.88 -22.10 11.62
CA LEU A 201 2.24 -23.06 12.48
C LEU A 201 3.04 -23.20 13.78
N LEU A 202 4.34 -22.87 13.73
CA LEU A 202 5.17 -22.93 14.95
C LEU A 202 5.18 -21.61 15.72
N GLY A 203 4.35 -20.66 15.27
CA GLY A 203 4.12 -19.42 15.98
C GLY A 203 5.11 -18.33 15.63
N GLU A 204 5.78 -18.48 14.50
CA GLU A 204 6.78 -17.51 14.09
C GLU A 204 6.19 -16.17 13.68
N ARG A 205 6.84 -15.10 14.12
CA ARG A 205 6.37 -13.75 13.85
C ARG A 205 7.50 -12.95 13.18
N ASP A 206 8.66 -13.58 13.00
CA ASP A 206 9.76 -12.98 12.22
C ASP A 206 9.99 -13.74 10.91
N TYR A 207 9.00 -13.71 10.03
CA TYR A 207 9.04 -14.43 8.78
C TYR A 207 9.12 -13.44 7.62
N GLY A 208 9.42 -13.96 6.43
CA GLY A 208 9.56 -13.14 5.24
C GLY A 208 8.99 -13.81 4.01
N PRO A 209 9.52 -13.47 2.84
CA PRO A 209 9.07 -13.99 1.55
C PRO A 209 9.01 -15.52 1.45
N PRO A 210 9.85 -16.24 2.21
CA PRO A 210 9.70 -17.70 2.13
C PRO A 210 8.29 -18.27 2.40
N ILE A 211 7.44 -17.56 3.12
CA ILE A 211 6.12 -18.11 3.40
C ILE A 211 5.27 -18.24 2.16
N ASP A 212 5.43 -17.30 1.23
CA ASP A 212 4.68 -17.32 -0.02
C ASP A 212 5.14 -18.47 -0.90
N LEU A 213 6.42 -18.82 -0.76
CA LEU A 213 7.02 -19.86 -1.58
C LEU A 213 6.62 -21.25 -1.15
N TRP A 214 6.45 -21.41 0.15
CA TRP A 214 5.90 -22.65 0.67
C TRP A 214 4.52 -22.87 0.04
N GLY A 215 3.70 -21.83 -0.01
CA GLY A 215 2.39 -21.93 -0.64
C GLY A 215 2.54 -22.23 -2.12
N ALA A 216 3.62 -21.72 -2.71
CA ALA A 216 3.94 -21.95 -4.10
C ALA A 216 4.25 -23.44 -4.32
N GLY A 217 4.99 -24.02 -3.37
CA GLY A 217 5.20 -25.46 -3.32
C GLY A 217 3.89 -26.25 -3.35
N CYS A 218 2.98 -25.93 -2.44
CA CYS A 218 1.71 -26.64 -2.33
C CYS A 218 0.87 -26.55 -3.59
N ILE A 219 0.92 -25.39 -4.25
CA ILE A 219 0.13 -25.20 -5.46
C ILE A 219 0.75 -26.01 -6.59
N MET A 220 2.07 -26.03 -6.65
CA MET A 220 2.74 -26.80 -7.68
C MET A 220 2.34 -28.27 -7.61
N ALA A 221 2.51 -28.86 -6.42
CA ALA A 221 2.16 -30.26 -6.23
C ALA A 221 0.71 -30.45 -6.60
N GLU A 222 -0.10 -29.44 -6.36
CA GLU A 222 -1.52 -29.52 -6.64
C GLU A 222 -1.75 -29.59 -8.15
N MET A 223 -0.75 -29.18 -8.93
CA MET A 223 -0.90 -29.20 -10.38
C MET A 223 -1.04 -30.61 -10.94
N TRP A 224 -0.59 -31.60 -10.18
CA TRP A 224 -0.73 -33.01 -10.57
C TRP A 224 -1.78 -33.76 -9.76
N THR A 225 -1.73 -33.58 -8.43
CA THR A 225 -2.61 -34.29 -7.50
C THR A 225 -4.04 -33.78 -7.56
N ARG A 226 -4.22 -32.65 -8.21
CA ARG A 226 -5.55 -32.10 -8.43
C ARG A 226 -6.32 -31.86 -7.15
N SER A 227 -5.59 -31.77 -6.05
CA SER A 227 -6.18 -31.65 -4.73
C SER A 227 -5.06 -31.33 -3.77
N PRO A 228 -5.31 -30.42 -2.82
CA PRO A 228 -4.34 -29.89 -1.85
C PRO A 228 -3.67 -31.02 -1.07
N ILE A 229 -2.36 -31.13 -1.22
CA ILE A 229 -1.61 -32.24 -0.64
C ILE A 229 -1.84 -32.44 0.86
N MET A 230 -2.11 -31.37 1.59
CA MET A 230 -2.20 -31.46 3.06
C MET A 230 -3.43 -30.78 3.69
N GLN A 231 -4.48 -31.57 3.98
CA GLN A 231 -5.77 -31.01 4.38
C GLN A 231 -6.08 -31.13 5.89
N GLY A 232 -5.31 -30.40 6.70
CA GLY A 232 -5.48 -30.43 8.15
C GLY A 232 -6.84 -29.94 8.63
N ASN A 233 -7.13 -30.21 9.90
CA ASN A 233 -8.41 -29.83 10.53
C ASN A 233 -8.25 -28.79 11.64
N THR A 234 -7.07 -28.81 12.26
CA THR A 234 -6.64 -27.80 13.23
C THR A 234 -5.18 -27.50 12.91
N GLU A 235 -4.64 -26.46 13.53
CA GLU A 235 -3.23 -26.16 13.31
C GLU A 235 -2.31 -27.36 13.53
N GLN A 236 -2.54 -28.12 14.61
CA GLN A 236 -1.71 -29.31 14.86
C GLN A 236 -1.88 -30.44 13.83
N HIS A 237 -3.09 -30.65 13.33
CA HIS A 237 -3.33 -31.67 12.30
C HIS A 237 -2.52 -31.32 11.02
N GLN A 238 -2.44 -30.03 10.68
CA GLN A 238 -1.57 -29.63 9.58
C GLN A 238 -0.11 -29.99 9.86
N LEU A 239 0.39 -29.67 11.05
CA LEU A 239 1.78 -29.95 11.40
C LEU A 239 2.15 -31.42 11.40
N ALA A 240 1.20 -32.27 11.79
CA ALA A 240 1.46 -33.69 11.76
C ALA A 240 1.59 -34.09 10.31
N LEU A 241 0.64 -33.66 9.50
CA LEU A 241 0.64 -33.98 8.08
C LEU A 241 1.92 -33.57 7.37
N ILE A 242 2.37 -32.33 7.63
CA ILE A 242 3.61 -31.78 7.07
C ILE A 242 4.80 -32.68 7.38
N SER A 243 4.83 -33.19 8.60
CA SER A 243 5.88 -34.09 9.09
C SER A 243 5.84 -35.46 8.41
N GLN A 244 4.64 -35.94 8.11
CA GLN A 244 4.48 -37.24 7.47
C GLN A 244 4.94 -37.17 6.01
N LEU A 245 5.34 -35.98 5.57
CA LEU A 245 5.82 -35.75 4.20
C LEU A 245 7.29 -35.30 4.10
N CYS A 246 7.69 -34.34 4.92
CA CYS A 246 8.99 -33.66 4.77
C CYS A 246 10.06 -34.13 5.74
N GLY A 247 9.81 -35.26 6.37
CA GLY A 247 10.62 -35.67 7.49
C GLY A 247 10.01 -34.92 8.66
N SER A 248 10.65 -34.96 9.81
CA SER A 248 10.11 -34.29 10.98
C SER A 248 10.92 -33.03 11.29
N ILE A 249 10.30 -32.07 11.97
CA ILE A 249 10.97 -30.83 12.35
C ILE A 249 12.15 -31.15 13.30
N THR A 250 13.38 -31.03 12.80
CA THR A 250 14.56 -31.40 13.59
C THR A 250 15.67 -30.33 13.59
N PRO A 251 16.21 -30.01 14.78
CA PRO A 251 17.31 -29.04 14.91
C PRO A 251 18.50 -29.35 14.01
N GLU A 252 18.60 -30.59 13.55
CA GLU A 252 19.62 -30.96 12.57
C GLU A 252 19.16 -30.54 11.18
N VAL A 253 17.89 -30.77 10.87
CA VAL A 253 17.27 -30.35 9.59
C VAL A 253 17.01 -28.84 9.57
N TRP A 254 16.55 -28.32 10.70
CA TRP A 254 16.15 -26.92 10.79
C TRP A 254 16.81 -26.25 11.98
N PRO A 255 18.08 -25.84 11.83
CA PRO A 255 18.86 -25.18 12.88
C PRO A 255 18.11 -24.06 13.64
N ASN A 256 17.90 -24.25 14.95
CA ASN A 256 17.25 -23.24 15.81
C ASN A 256 15.73 -23.31 15.85
N VAL A 257 15.17 -24.32 15.18
CA VAL A 257 13.72 -24.49 15.10
C VAL A 257 13.00 -24.42 16.44
N ASP A 258 13.62 -25.02 17.45
CA ASP A 258 13.11 -25.15 18.81
C ASP A 258 13.13 -23.88 19.68
N ASN A 259 12.10 -23.05 19.54
CA ASN A 259 11.97 -21.81 20.31
C ASN A 259 10.51 -21.41 20.50
N LYS A 275 10.34 -38.27 2.58
CA LYS A 275 9.32 -38.97 1.79
C LYS A 275 8.52 -38.09 0.80
N VAL A 276 9.03 -36.90 0.50
CA VAL A 276 8.33 -35.96 -0.40
C VAL A 276 8.11 -36.54 -1.78
N LYS A 277 9.18 -37.14 -2.29
CA LYS A 277 9.27 -37.65 -3.66
C LYS A 277 8.56 -38.98 -3.90
N ASP A 278 8.46 -39.81 -2.87
CA ASP A 278 7.78 -41.09 -3.01
C ASP A 278 6.27 -40.90 -3.13
N ARG A 279 5.69 -40.01 -2.33
CA ARG A 279 4.24 -39.84 -2.33
C ARG A 279 3.78 -39.11 -3.60
N LEU A 280 4.69 -38.33 -4.20
CA LEU A 280 4.34 -37.56 -5.39
C LEU A 280 4.85 -38.23 -6.67
N LYS A 281 5.76 -39.19 -6.45
CA LYS A 281 6.28 -40.12 -7.46
C LYS A 281 5.20 -40.66 -8.41
N ALA A 282 4.04 -41.03 -7.84
CA ALA A 282 2.88 -41.56 -8.58
C ALA A 282 2.39 -40.58 -9.65
N TYR A 283 1.88 -39.45 -9.18
CA TYR A 283 1.27 -38.43 -10.03
C TYR A 283 2.24 -37.76 -11.01
N VAL A 284 3.41 -37.38 -10.50
CA VAL A 284 4.29 -36.49 -11.24
C VAL A 284 5.22 -37.19 -12.21
N ARG A 285 6.01 -38.14 -11.70
CA ARG A 285 6.90 -38.93 -12.55
C ARG A 285 8.16 -38.21 -13.06
N ASP A 286 8.00 -37.03 -13.66
CA ASP A 286 9.14 -36.22 -14.14
C ASP A 286 10.11 -35.86 -13.02
N PRO A 287 11.40 -36.22 -13.18
CA PRO A 287 12.48 -36.01 -12.20
C PRO A 287 12.61 -34.56 -11.77
N TYR A 288 12.67 -33.65 -12.74
CA TYR A 288 12.90 -32.21 -12.51
C TYR A 288 11.79 -31.54 -11.72
N ALA A 289 10.55 -31.77 -12.13
CA ALA A 289 9.40 -31.26 -11.39
C ALA A 289 9.43 -31.69 -9.91
N LEU A 290 9.71 -32.97 -9.67
CA LEU A 290 9.73 -33.48 -8.31
C LEU A 290 10.81 -32.80 -7.47
N ASP A 291 11.96 -32.51 -8.07
CA ASP A 291 13.05 -31.92 -7.30
C ASP A 291 12.76 -30.50 -6.80
N LEU A 292 12.19 -29.66 -7.67
CA LEU A 292 11.86 -28.29 -7.29
C LEU A 292 10.82 -28.30 -6.17
N ILE A 293 9.85 -29.19 -6.31
CA ILE A 293 8.80 -29.30 -5.32
C ILE A 293 9.43 -29.62 -3.99
N ASP A 294 10.47 -30.46 -4.01
CA ASP A 294 11.20 -30.77 -2.79
C ASP A 294 11.91 -29.51 -2.21
N LYS A 295 12.43 -28.62 -3.06
CA LYS A 295 13.13 -27.43 -2.58
C LYS A 295 12.21 -26.26 -2.18
N LEU A 296 10.97 -26.26 -2.69
CA LEU A 296 9.95 -25.30 -2.27
C LEU A 296 9.38 -25.70 -0.91
N LEU A 297 9.08 -26.99 -0.78
CA LEU A 297 8.54 -27.56 0.47
C LEU A 297 9.66 -27.96 1.44
N VAL A 298 10.62 -27.06 1.65
CA VAL A 298 11.71 -27.26 2.60
C VAL A 298 11.32 -26.72 3.98
N LEU A 299 11.65 -27.49 5.02
CA LEU A 299 11.20 -27.14 6.36
C LEU A 299 11.83 -25.83 6.84
N ASP A 300 13.16 -25.76 6.82
CA ASP A 300 13.85 -24.53 7.20
C ASP A 300 13.66 -23.44 6.11
N PRO A 301 12.91 -22.37 6.44
CA PRO A 301 12.61 -21.22 5.58
C PRO A 301 13.84 -20.59 4.97
N ALA A 302 14.98 -20.66 5.66
CA ALA A 302 16.19 -20.02 5.19
C ALA A 302 16.87 -20.96 4.22
N GLN A 303 16.47 -22.23 4.25
CA GLN A 303 16.99 -23.21 3.28
C GLN A 303 15.95 -23.47 2.19
N ARG A 304 14.75 -22.92 2.37
CA ARG A 304 13.70 -22.99 1.36
C ARG A 304 14.04 -22.06 0.22
N ILE A 305 13.99 -22.60 -0.99
CA ILE A 305 14.30 -21.87 -2.22
C ILE A 305 13.46 -20.61 -2.41
N ASP A 306 14.08 -19.63 -3.01
CA ASP A 306 13.36 -18.42 -3.30
C ASP A 306 12.95 -18.33 -4.77
N SER A 307 12.18 -17.31 -5.07
CA SER A 307 11.59 -17.08 -6.37
C SER A 307 12.66 -16.96 -7.50
N ASP A 308 13.80 -16.34 -7.19
CA ASP A 308 14.83 -16.18 -8.20
C ASP A 308 15.48 -17.51 -8.60
N ASP A 309 15.87 -18.30 -7.63
CA ASP A 309 16.52 -19.58 -7.91
C ASP A 309 15.57 -20.62 -8.50
N ALA A 310 14.32 -20.60 -8.09
CA ALA A 310 13.33 -21.54 -8.61
C ALA A 310 13.11 -21.29 -10.10
N LEU A 311 13.02 -20.02 -10.50
CA LEU A 311 12.82 -19.66 -11.92
C LEU A 311 13.96 -20.18 -12.75
N ASN A 312 15.10 -20.35 -12.09
CA ASN A 312 16.32 -20.82 -12.70
C ASN A 312 16.42 -22.31 -12.78
N HIS A 313 15.60 -22.96 -11.97
CA HIS A 313 15.62 -24.40 -11.87
C HIS A 313 15.51 -25.03 -13.25
N ASP A 314 16.22 -26.15 -13.41
CA ASP A 314 16.33 -26.84 -14.68
C ASP A 314 14.97 -27.26 -15.22
N PHE A 315 14.01 -27.36 -14.32
CA PHE A 315 12.65 -27.68 -14.70
C PHE A 315 12.14 -26.75 -15.78
N PHE A 316 12.57 -25.49 -15.78
CA PHE A 316 12.09 -24.53 -16.77
C PHE A 316 13.00 -24.41 -17.96
N TRP A 317 14.10 -25.16 -17.92
CA TRP A 317 15.19 -25.05 -18.88
C TRP A 317 15.62 -26.39 -19.51
N SER A 318 14.72 -27.36 -19.40
CA SER A 318 14.85 -28.66 -20.05
C SER A 318 13.54 -29.01 -20.78
N ASP A 319 13.58 -29.99 -21.69
CA ASP A 319 12.38 -30.42 -22.45
C ASP A 319 11.42 -31.28 -21.64
N PRO A 320 10.12 -31.13 -21.90
CA PRO A 320 9.52 -30.16 -22.86
C PRO A 320 9.56 -28.73 -22.29
N MET A 321 10.05 -27.76 -23.06
CA MET A 321 10.09 -26.39 -22.54
C MET A 321 8.71 -25.87 -22.23
N PRO A 322 8.61 -24.91 -21.28
CA PRO A 322 7.32 -24.32 -20.91
C PRO A 322 6.62 -23.81 -22.16
N SER A 323 5.30 -24.01 -22.26
CA SER A 323 4.51 -23.64 -23.44
C SER A 323 3.31 -22.81 -23.10
N ASP A 324 2.81 -22.08 -24.09
CA ASP A 324 1.65 -21.25 -23.85
C ASP A 324 0.38 -22.05 -23.56
N LEU A 325 -0.60 -21.37 -22.99
CA LEU A 325 -1.85 -21.98 -22.56
C LEU A 325 -2.89 -21.68 -23.64
N LYS A 326 -3.15 -22.71 -24.42
CA LYS A 326 -4.07 -22.59 -25.53
C LYS A 326 -5.08 -23.71 -25.39
N GLY A 327 -4.58 -24.93 -25.47
CA GLY A 327 -5.43 -26.11 -25.49
C GLY A 327 -5.90 -26.53 -24.10
N MET A 328 -5.17 -26.06 -23.08
CA MET A 328 -5.62 -26.27 -21.74
C MET A 328 -6.97 -25.55 -21.67
N LEU A 329 -7.07 -24.46 -22.44
CA LEU A 329 -8.27 -23.64 -22.48
C LEU A 329 -8.91 -23.68 -23.86
N ASN B 9 0.39 11.80 -13.21
CA ASN B 9 1.73 12.22 -12.81
C ASN B 9 1.87 13.74 -12.56
N LYS B 10 1.00 14.53 -13.19
CA LYS B 10 0.95 15.97 -13.00
C LYS B 10 -0.45 16.28 -12.50
N ARG B 11 -1.12 15.22 -12.07
CA ARG B 11 -2.46 15.38 -11.55
C ARG B 11 -2.46 16.25 -10.32
N TRP B 12 -1.55 15.93 -9.40
CA TRP B 12 -1.53 16.65 -8.15
C TRP B 12 -0.40 17.67 -8.03
N TYR B 13 0.09 18.11 -9.21
CA TYR B 13 0.97 19.27 -9.30
C TYR B 13 0.34 20.36 -10.16
N PHE B 14 0.39 21.57 -9.63
CA PHE B 14 -0.33 22.68 -10.21
C PHE B 14 0.64 23.81 -10.54
N THR B 15 0.28 24.58 -11.57
CA THR B 15 1.00 25.77 -11.95
C THR B 15 0.56 26.90 -11.04
N ARG B 16 1.33 28.00 -11.02
CA ARG B 16 0.96 29.13 -10.17
C ARG B 16 -0.37 29.71 -10.57
N GLU B 17 -0.68 29.66 -11.86
CA GLU B 17 -1.98 30.10 -12.33
C GLU B 17 -3.13 29.20 -11.86
N GLN B 18 -2.90 27.89 -11.81
CA GLN B 18 -3.90 26.97 -11.26
C GLN B 18 -4.18 27.26 -9.78
N LEU B 19 -3.12 27.64 -9.06
CA LEU B 19 -3.21 27.99 -7.63
C LEU B 19 -4.00 29.28 -7.40
N GLU B 20 -3.90 30.23 -8.32
CA GLU B 20 -4.74 31.40 -8.25
C GLU B 20 -6.22 30.99 -8.40
N ASN B 21 -6.61 30.27 -9.45
CA ASN B 21 -8.02 29.85 -9.53
C ASN B 21 -8.35 28.59 -8.76
N SER B 22 -8.20 28.64 -7.45
CA SER B 22 -8.45 27.48 -6.62
C SER B 22 -9.95 27.43 -6.38
N PRO B 23 -10.49 26.28 -5.95
CA PRO B 23 -11.92 26.18 -5.66
C PRO B 23 -12.38 27.25 -4.69
N SER B 24 -11.55 27.55 -3.68
CA SER B 24 -11.89 28.53 -2.68
C SER B 24 -11.97 29.91 -3.30
N ARG B 25 -11.06 30.20 -4.24
CA ARG B 25 -11.03 31.51 -4.90
C ARG B 25 -12.37 31.76 -5.54
N ARG B 26 -12.98 30.69 -6.04
CA ARG B 26 -14.26 30.75 -6.72
C ARG B 26 -15.40 31.20 -5.80
N PHE B 27 -15.27 30.97 -4.49
CA PHE B 27 -16.31 31.43 -3.59
C PHE B 27 -15.88 32.67 -2.77
N GLY B 28 -14.89 33.38 -3.33
CA GLY B 28 -14.47 34.70 -2.91
C GLY B 28 -13.46 34.77 -1.80
N VAL B 29 -12.79 33.66 -1.56
CA VAL B 29 -11.72 33.65 -0.58
C VAL B 29 -10.45 34.18 -1.21
N ASP B 30 -9.96 35.29 -0.67
CA ASP B 30 -8.71 35.88 -1.12
C ASP B 30 -7.62 34.84 -1.09
N PRO B 31 -6.59 35.03 -1.91
CA PRO B 31 -5.34 34.27 -1.99
C PRO B 31 -4.68 34.16 -0.62
N ASP B 32 -4.50 35.31 0.01
CA ASP B 32 -3.85 35.43 1.31
C ASP B 32 -4.59 34.71 2.45
N LYS B 33 -5.90 34.89 2.42
CA LYS B 33 -6.83 34.22 3.30
C LYS B 33 -6.74 32.71 3.08
N GLU B 34 -6.72 32.28 1.82
CA GLU B 34 -6.67 30.86 1.56
C GLU B 34 -5.38 30.26 2.14
N LEU B 35 -4.25 30.96 2.06
CA LEU B 35 -3.03 30.41 2.69
C LEU B 35 -3.19 30.24 4.17
N SER B 36 -3.84 31.21 4.79
CA SER B 36 -4.05 31.14 6.22
C SER B 36 -4.85 29.95 6.53
N TYR B 37 -5.91 29.75 5.78
CA TYR B 37 -6.71 28.60 6.01
C TYR B 37 -5.89 27.32 5.95
N ARG B 38 -4.96 27.25 5.00
CA ARG B 38 -4.05 26.12 4.85
C ARG B 38 -3.04 26.01 5.98
N GLN B 39 -2.41 27.13 6.35
CA GLN B 39 -1.43 27.15 7.45
C GLN B 39 -2.08 26.80 8.77
N GLN B 40 -3.31 27.25 8.97
CA GLN B 40 -4.03 26.96 10.21
C GLN B 40 -4.40 25.48 10.31
N ALA B 41 -4.80 24.88 9.21
CA ALA B 41 -5.05 23.47 9.20
C ALA B 41 -3.76 22.70 9.48
N ALA B 42 -2.64 23.11 8.89
CA ALA B 42 -1.39 22.42 9.19
C ALA B 42 -1.06 22.52 10.73
N ASN B 43 -1.31 23.66 11.34
CA ASN B 43 -1.10 23.75 12.77
C ASN B 43 -1.97 22.80 13.57
N LEU B 44 -3.25 22.73 13.22
CA LEU B 44 -4.16 21.83 13.90
C LEU B 44 -3.74 20.40 13.75
N LEU B 45 -3.30 20.03 12.56
CA LEU B 45 -2.75 18.71 12.36
C LEU B 45 -1.50 18.51 13.19
N GLN B 46 -0.65 19.52 13.28
CA GLN B 46 0.60 19.33 13.99
C GLN B 46 0.37 19.15 15.48
N ASP B 47 -0.52 19.99 16.01
CA ASP B 47 -0.97 19.93 17.41
C ASP B 47 -1.65 18.60 17.77
N MET B 48 -2.68 18.21 17.02
CA MET B 48 -3.34 16.94 17.23
C MET B 48 -2.38 15.76 17.13
N GLY B 49 -1.51 15.79 16.13
CA GLY B 49 -0.60 14.71 15.88
C GLY B 49 0.37 14.48 17.03
N GLN B 50 0.83 15.57 17.63
CA GLN B 50 1.75 15.48 18.75
C GLN B 50 1.05 14.86 19.96
N ARG B 51 -0.20 15.31 20.23
CA ARG B 51 -1.01 14.79 21.34
C ARG B 51 -1.43 13.31 21.19
N LEU B 52 -1.66 12.95 19.93
CA LEU B 52 -2.05 11.59 19.58
C LEU B 52 -0.83 10.70 19.52
N ASN B 53 0.35 11.31 19.60
CA ASN B 53 1.62 10.61 19.59
C ASN B 53 1.84 9.81 18.34
N VAL B 54 1.47 10.40 17.22
CA VAL B 54 1.84 9.89 15.91
C VAL B 54 3.16 10.51 15.47
N SER B 55 3.75 9.94 14.42
CA SER B 55 5.02 10.42 13.89
C SER B 55 4.85 11.70 13.10
N GLN B 56 5.94 12.41 12.87
CA GLN B 56 5.89 13.56 12.00
C GLN B 56 5.52 13.13 10.59
N LEU B 57 6.01 11.97 10.18
CA LEU B 57 5.65 11.45 8.86
C LEU B 57 4.13 11.36 8.63
N THR B 58 3.43 10.81 9.62
CA THR B 58 1.99 10.66 9.56
C THR B 58 1.33 12.02 9.50
N ILE B 59 1.79 12.96 10.34
CA ILE B 59 1.29 14.33 10.31
C ILE B 59 1.45 14.97 8.93
N ASN B 60 2.62 14.76 8.34
CA ASN B 60 2.96 15.25 7.00
C ASN B 60 2.08 14.69 5.93
N THR B 61 1.83 13.40 6.00
CA THR B 61 0.95 12.80 5.03
C THR B 61 -0.40 13.49 5.05
N ALA B 62 -0.92 13.71 6.26
CA ALA B 62 -2.20 14.37 6.44
C ALA B 62 -2.19 15.79 5.92
N ILE B 63 -1.06 16.48 6.06
CA ILE B 63 -0.95 17.83 5.55
C ILE B 63 -1.05 17.89 4.02
N VAL B 64 -0.39 16.93 3.35
CA VAL B 64 -0.45 16.81 1.90
C VAL B 64 -1.84 16.45 1.42
N TYR B 65 -2.49 15.53 2.13
CA TYR B 65 -3.89 15.18 1.86
C TYR B 65 -4.72 16.46 1.87
N MET B 66 -4.59 17.24 2.94
CA MET B 66 -5.28 18.52 3.11
C MET B 66 -4.98 19.50 1.97
N HIS B 67 -3.69 19.67 1.64
CA HIS B 67 -3.31 20.60 0.57
C HIS B 67 -4.00 20.24 -0.76
N ARG B 68 -3.90 18.97 -1.11
CA ARG B 68 -4.49 18.46 -2.33
C ARG B 68 -6.01 18.58 -2.33
N PHE B 69 -6.63 18.21 -1.22
CA PHE B 69 -8.06 18.30 -1.05
C PHE B 69 -8.61 19.71 -1.39
N TYR B 70 -7.89 20.76 -1.02
CA TYR B 70 -8.34 22.11 -1.28
C TYR B 70 -7.97 22.68 -2.63
N MET B 71 -7.32 21.84 -3.43
CA MET B 71 -7.21 22.12 -4.86
C MET B 71 -8.46 21.63 -5.60
N ILE B 72 -9.29 20.85 -4.90
CA ILE B 72 -10.51 20.29 -5.48
C ILE B 72 -11.71 20.86 -4.75
N GLN B 73 -11.58 20.95 -3.43
CA GLN B 73 -12.65 21.52 -2.62
C GLN B 73 -12.38 22.96 -2.12
N SER B 74 -13.45 23.59 -1.67
CA SER B 74 -13.38 24.96 -1.23
C SER B 74 -13.40 25.05 0.30
N PHE B 75 -12.60 25.95 0.86
CA PHE B 75 -12.64 26.21 2.29
C PHE B 75 -14.00 26.73 2.72
N THR B 76 -14.67 27.45 1.83
CA THR B 76 -16.00 27.94 2.15
C THR B 76 -17.06 26.86 2.27
N GLN B 77 -16.76 25.63 1.85
CA GLN B 77 -17.71 24.52 2.00
C GLN B 77 -17.18 23.43 2.94
N PHE B 78 -15.85 23.27 3.02
CA PHE B 78 -15.20 22.41 4.03
C PHE B 78 -14.11 23.11 4.84
N PRO B 79 -14.42 23.48 6.09
CA PRO B 79 -13.55 24.12 7.07
C PRO B 79 -12.35 23.25 7.47
N GLY B 80 -11.19 23.86 7.65
CA GLY B 80 -9.99 23.15 8.08
C GLY B 80 -10.24 22.33 9.33
N ASN B 81 -11.02 22.90 10.25
CA ASN B 81 -11.29 22.30 11.57
C ASN B 81 -12.10 21.01 11.52
N SER B 82 -12.73 20.77 10.37
CA SER B 82 -13.45 19.53 10.10
C SER B 82 -12.60 18.57 9.32
N VAL B 83 -11.87 19.11 8.36
CA VAL B 83 -11.06 18.31 7.48
C VAL B 83 -9.80 17.80 8.17
N ALA B 84 -9.16 18.64 9.00
CA ALA B 84 -7.90 18.24 9.63
C ALA B 84 -8.02 16.92 10.37
N PRO B 85 -8.99 16.82 11.31
CA PRO B 85 -9.14 15.55 12.02
C PRO B 85 -9.37 14.35 11.12
N ALA B 86 -10.25 14.48 10.13
CA ALA B 86 -10.49 13.41 9.19
C ALA B 86 -9.22 13.04 8.40
N ALA B 87 -8.50 14.05 7.90
CA ALA B 87 -7.28 13.79 7.15
C ALA B 87 -6.28 13.03 8.02
N LEU B 88 -6.17 13.46 9.26
CA LEU B 88 -5.23 12.87 10.21
C LEU B 88 -5.64 11.49 10.62
N PHE B 89 -6.94 11.31 10.87
CA PHE B 89 -7.47 10.00 11.21
C PHE B 89 -7.11 9.01 10.10
N LEU B 90 -7.27 9.46 8.86
CA LEU B 90 -7.02 8.67 7.67
C LEU B 90 -5.54 8.39 7.46
N ALA B 91 -4.73 9.44 7.57
CA ALA B 91 -3.29 9.35 7.40
C ALA B 91 -2.66 8.41 8.42
N ALA B 92 -3.19 8.38 9.63
CA ALA B 92 -2.70 7.45 10.63
C ALA B 92 -2.95 6.00 10.22
N LYS B 93 -4.12 5.69 9.66
CA LYS B 93 -4.42 4.35 9.14
C LYS B 93 -3.46 3.99 8.02
N VAL B 94 -3.34 4.92 7.06
CA VAL B 94 -2.53 4.71 5.86
C VAL B 94 -1.07 4.49 6.21
N GLU B 95 -0.60 5.21 7.22
CA GLU B 95 0.80 5.11 7.62
C GLU B 95 1.05 4.06 8.71
N GLU B 96 0.03 3.22 9.00
CA GLU B 96 0.17 2.12 9.97
C GLU B 96 0.46 2.58 11.45
N GLN B 97 -0.21 3.65 11.86
CA GLN B 97 -0.22 4.09 13.25
C GLN B 97 -1.65 4.47 13.54
N PRO B 98 -2.56 3.52 13.34
CA PRO B 98 -3.99 3.75 13.45
C PRO B 98 -4.27 4.30 14.81
N LYS B 99 -5.01 5.40 14.87
CA LYS B 99 -5.52 5.91 16.13
C LYS B 99 -7.02 5.71 16.03
N LYS B 100 -7.62 5.30 17.14
CA LYS B 100 -9.05 5.01 17.19
C LYS B 100 -9.92 6.23 16.96
N LEU B 101 -11.05 5.97 16.31
CA LEU B 101 -11.97 7.02 15.95
C LEU B 101 -12.32 7.90 17.13
N GLU B 102 -12.77 7.30 18.23
CA GLU B 102 -13.12 8.09 19.42
C GLU B 102 -11.96 8.92 19.91
N HIS B 103 -10.77 8.35 19.88
CA HIS B 103 -9.58 9.01 20.38
C HIS B 103 -9.26 10.26 19.59
N VAL B 104 -9.34 10.14 18.27
CA VAL B 104 -9.09 11.28 17.40
C VAL B 104 -10.16 12.35 17.61
N ILE B 105 -11.41 11.96 17.77
CA ILE B 105 -12.46 12.94 18.04
C ILE B 105 -12.22 13.71 19.38
N LYS B 106 -11.82 12.95 20.38
CA LYS B 106 -11.57 13.46 21.71
C LYS B 106 -10.44 14.48 21.70
N VAL B 107 -9.34 14.17 21.02
CA VAL B 107 -8.21 15.11 20.91
C VAL B 107 -8.51 16.33 20.06
N ALA B 108 -9.19 16.11 18.94
CA ALA B 108 -9.62 17.21 18.08
C ALA B 108 -10.47 18.16 18.91
N HIS B 109 -11.31 17.58 19.74
CA HIS B 109 -12.21 18.40 20.53
C HIS B 109 -11.46 19.31 21.51
N THR B 110 -10.45 18.77 22.16
CA THR B 110 -9.66 19.55 23.11
C THR B 110 -8.84 20.64 22.44
N CYS B 111 -8.38 20.36 21.23
CA CYS B 111 -7.62 21.38 20.48
C CYS B 111 -8.48 22.53 20.04
N LEU B 112 -9.66 22.20 19.57
CA LEU B 112 -10.55 23.21 19.08
C LEU B 112 -11.31 23.92 20.22
N HIS B 113 -11.49 23.23 21.35
CA HIS B 113 -12.25 23.76 22.49
C HIS B 113 -11.61 23.52 23.87
N PRO B 114 -10.48 24.14 24.13
CA PRO B 114 -9.77 23.85 25.35
C PRO B 114 -10.64 23.97 26.57
N GLN B 115 -11.61 24.88 26.53
CA GLN B 115 -12.42 25.17 27.71
C GLN B 115 -13.72 24.37 27.75
N GLU B 116 -14.13 23.80 26.61
CA GLU B 116 -15.34 22.97 26.57
C GLU B 116 -15.07 21.63 27.24
N SER B 117 -16.09 20.79 27.28
CA SER B 117 -16.00 19.50 27.96
C SER B 117 -16.61 18.48 27.04
N LEU B 118 -15.96 17.33 26.87
CA LEU B 118 -16.47 16.37 25.89
C LEU B 118 -17.92 16.02 26.21
N PRO B 119 -18.79 15.96 25.16
CA PRO B 119 -20.17 15.50 25.39
C PRO B 119 -20.22 14.07 25.91
N ASP B 120 -21.38 13.68 26.41
CA ASP B 120 -21.55 12.33 26.89
C ASP B 120 -21.47 11.50 25.61
N THR B 121 -20.53 10.55 25.60
CA THR B 121 -20.32 9.68 24.45
C THR B 121 -21.54 8.82 24.12
N ARG B 122 -22.64 9.05 24.85
CA ARG B 122 -23.90 8.36 24.62
C ARG B 122 -24.90 9.30 23.97
N SER B 123 -24.60 10.60 24.03
CA SER B 123 -25.48 11.64 23.50
C SER B 123 -25.64 11.56 21.99
N GLU B 124 -26.74 12.10 21.50
CA GLU B 124 -26.99 12.09 20.06
C GLU B 124 -26.10 13.07 19.35
N ALA B 125 -25.67 14.11 20.06
CA ALA B 125 -24.79 15.11 19.49
C ALA B 125 -23.37 14.59 19.31
N TYR B 126 -22.95 13.68 20.17
CA TYR B 126 -21.62 13.06 20.06
C TYR B 126 -21.62 11.94 19.03
N LEU B 127 -22.68 11.15 19.01
CA LEU B 127 -22.78 10.07 18.04
C LEU B 127 -22.73 10.67 16.65
N GLN B 128 -23.21 11.91 16.58
CA GLN B 128 -23.27 12.67 15.33
C GLN B 128 -21.90 13.23 14.93
N GLN B 129 -21.09 13.70 15.88
CA GLN B 129 -19.80 14.25 15.46
C GLN B 129 -18.88 13.13 15.03
N VAL B 130 -19.12 11.94 15.57
CA VAL B 130 -18.43 10.74 15.08
C VAL B 130 -18.80 10.41 13.65
N GLN B 131 -20.09 10.53 13.37
CA GLN B 131 -20.61 10.22 12.05
C GLN B 131 -20.15 11.22 11.01
N ASP B 132 -19.96 12.46 11.43
CA ASP B 132 -19.50 13.50 10.53
C ASP B 132 -18.08 13.28 10.07
N LEU B 133 -17.24 12.80 11.00
CA LEU B 133 -15.84 12.53 10.71
C LEU B 133 -15.74 11.40 9.68
N VAL B 134 -16.45 10.33 9.95
CA VAL B 134 -16.44 9.22 9.01
C VAL B 134 -16.89 9.70 7.62
N ILE B 135 -17.93 10.54 7.56
CA ILE B 135 -18.37 11.01 6.26
C ILE B 135 -17.30 11.84 5.54
N LEU B 136 -16.59 12.63 6.32
CA LEU B 136 -15.58 13.51 5.76
C LEU B 136 -14.33 12.75 5.31
N GLU B 137 -13.96 11.72 6.06
CA GLU B 137 -12.88 10.83 5.67
C GLU B 137 -13.19 10.21 4.32
N SER B 138 -14.47 9.86 4.12
CA SER B 138 -14.89 9.22 2.88
C SER B 138 -14.80 10.16 1.68
N ILE B 139 -15.19 11.41 1.90
CA ILE B 139 -15.08 12.47 0.89
C ILE B 139 -13.61 12.78 0.53
N ILE B 140 -12.72 12.72 1.50
CA ILE B 140 -11.31 12.95 1.24
C ILE B 140 -10.77 11.87 0.27
N LEU B 141 -11.03 10.61 0.59
CA LEU B 141 -10.62 9.50 -0.25
C LEU B 141 -11.08 9.68 -1.70
N GLN B 142 -12.31 10.13 -1.87
CA GLN B 142 -12.89 10.28 -3.20
C GLN B 142 -12.40 11.54 -3.88
N THR B 143 -12.10 12.55 -3.07
CA THR B 143 -11.56 13.77 -3.63
C THR B 143 -10.15 13.51 -4.11
N LEU B 144 -9.39 12.73 -3.34
CA LEU B 144 -8.02 12.39 -3.71
C LEU B 144 -8.03 11.18 -4.69
N GLY B 145 -9.19 10.67 -5.02
CA GLY B 145 -9.23 9.54 -5.93
C GLY B 145 -8.41 8.36 -5.45
N PHE B 146 -8.47 8.12 -4.14
CA PHE B 146 -7.84 6.98 -3.44
C PHE B 146 -6.34 6.84 -3.60
N GLU B 147 -5.69 7.90 -4.07
CA GLU B 147 -4.23 8.03 -4.13
C GLU B 147 -3.70 8.59 -2.83
N LEU B 148 -3.15 7.68 -2.01
CA LEU B 148 -2.81 7.87 -0.59
C LEU B 148 -1.33 7.72 -0.30
N THR B 149 -0.60 7.23 -1.30
CA THR B 149 0.82 7.06 -1.14
C THR B 149 1.48 8.40 -1.38
N ILE B 150 2.02 8.96 -0.32
CA ILE B 150 2.62 10.24 -0.43
C ILE B 150 4.14 10.06 -0.39
N ASP B 151 4.84 10.74 -1.27
CA ASP B 151 6.27 10.82 -1.09
C ASP B 151 6.60 12.15 -0.38
N HIS B 152 7.36 12.11 0.72
CA HIS B 152 7.69 13.36 1.44
C HIS B 152 9.11 13.75 1.25
N PRO B 153 9.38 15.05 1.29
CA PRO B 153 10.77 15.45 1.10
C PRO B 153 11.70 14.87 2.17
N HIS B 154 11.24 14.62 3.39
CA HIS B 154 12.21 14.23 4.42
C HIS B 154 13.09 13.08 3.99
N THR B 155 12.57 12.13 3.22
CA THR B 155 13.38 11.01 2.79
C THR B 155 14.63 11.54 2.14
N HIS B 156 14.42 12.50 1.25
CA HIS B 156 15.44 13.08 0.38
C HIS B 156 16.35 14.07 1.07
N VAL B 157 15.86 14.70 2.12
CA VAL B 157 16.70 15.63 2.83
C VAL B 157 17.85 14.84 3.41
N VAL B 158 17.52 13.88 4.26
CA VAL B 158 18.53 12.94 4.75
C VAL B 158 19.57 12.61 3.65
N LYS B 159 19.08 12.21 2.47
CA LYS B 159 19.92 11.85 1.32
C LYS B 159 20.97 12.92 0.97
N CYS B 160 20.55 14.15 0.71
CA CYS B 160 21.48 15.24 0.33
C CYS B 160 22.46 15.55 1.44
N THR B 161 21.93 15.81 2.62
CA THR B 161 22.73 16.21 3.76
C THR B 161 23.81 15.17 4.13
N GLN B 162 23.67 13.93 3.67
CA GLN B 162 24.76 12.93 3.83
C GLN B 162 25.71 13.02 2.66
N LEU B 163 25.13 13.01 1.47
CA LEU B 163 25.88 13.13 0.23
C LEU B 163 26.44 14.55 -0.02
N VAL B 164 26.57 15.33 1.05
CA VAL B 164 27.32 16.59 1.02
C VAL B 164 28.05 16.72 2.36
N ARG B 165 27.90 15.67 3.18
CA ARG B 165 28.56 15.55 4.50
C ARG B 165 28.35 16.76 5.39
N ALA B 166 27.09 17.05 5.73
CA ALA B 166 26.79 18.15 6.62
C ALA B 166 26.87 17.76 8.07
N SER B 167 27.26 18.72 8.93
CA SER B 167 27.28 18.49 10.37
C SER B 167 25.90 18.05 10.79
N LYS B 168 25.77 17.45 11.96
CA LYS B 168 24.44 17.08 12.41
C LYS B 168 23.59 18.36 12.35
N ASP B 169 24.17 19.45 12.87
CA ASP B 169 23.55 20.77 12.79
C ASP B 169 22.91 21.10 11.44
N LEU B 170 23.69 21.09 10.37
CA LEU B 170 23.20 21.50 9.05
C LEU B 170 22.05 20.63 8.63
N ALA B 171 22.21 19.34 8.86
CA ALA B 171 21.22 18.35 8.54
C ALA B 171 19.90 18.60 9.33
N GLN B 172 20.03 18.96 10.60
CA GLN B 172 18.85 19.22 11.42
C GLN B 172 18.09 20.48 10.96
N THR B 173 18.83 21.52 10.56
CA THR B 173 18.23 22.73 10.00
C THR B 173 17.49 22.42 8.68
N SER B 174 18.00 21.46 7.93
CA SER B 174 17.38 21.11 6.68
C SER B 174 16.04 20.41 6.92
N TYR B 175 16.00 19.51 7.90
CA TYR B 175 14.77 18.82 8.25
C TYR B 175 13.74 19.86 8.73
N PHE B 176 14.19 20.81 9.54
CA PHE B 176 13.36 21.93 10.01
C PHE B 176 12.78 22.76 8.87
N MET B 177 13.60 23.11 7.89
CA MET B 177 13.16 23.86 6.72
C MET B 177 12.09 23.04 5.97
N ALA B 178 12.40 21.75 5.78
CA ALA B 178 11.50 20.81 5.11
C ALA B 178 10.15 20.75 5.80
N THR B 179 10.16 20.55 7.12
CA THR B 179 8.89 20.49 7.87
C THR B 179 8.07 21.75 7.75
N ASN B 180 8.77 22.87 7.88
CA ASN B 180 8.13 24.16 7.81
C ASN B 180 7.63 24.52 6.42
N SER B 181 8.26 23.97 5.37
CA SER B 181 7.77 24.24 4.02
C SER B 181 6.38 23.66 3.83
N LEU B 182 6.12 22.53 4.47
CA LEU B 182 4.79 21.94 4.43
C LEU B 182 3.72 22.78 5.13
N HIS B 183 4.01 23.29 6.31
CA HIS B 183 3.03 24.10 7.03
C HIS B 183 2.76 25.46 6.36
N LEU B 184 3.81 26.05 5.84
CA LEU B 184 3.83 27.47 5.51
C LEU B 184 3.68 27.72 3.99
N THR B 185 3.95 26.72 3.15
CA THR B 185 3.89 26.99 1.72
C THR B 185 3.09 25.94 0.97
N THR B 186 2.79 26.19 -0.29
CA THR B 186 2.14 25.20 -1.12
C THR B 186 3.15 24.57 -2.10
N PHE B 187 4.42 24.53 -1.72
CA PHE B 187 5.45 23.90 -2.54
C PHE B 187 5.11 22.47 -2.93
N SER B 188 4.43 21.75 -2.03
CA SER B 188 4.12 20.32 -2.21
C SER B 188 3.10 20.16 -3.32
N LEU B 189 2.47 21.28 -3.67
CA LEU B 189 1.54 21.34 -4.77
C LEU B 189 2.20 21.81 -6.08
N GLN B 190 3.48 22.17 -6.03
CA GLN B 190 4.10 22.75 -7.22
C GLN B 190 5.38 22.02 -7.59
N TYR B 191 6.15 21.58 -6.61
CA TYR B 191 7.44 20.96 -6.91
C TYR B 191 7.49 19.55 -6.32
N THR B 192 8.17 18.63 -7.01
CA THR B 192 8.36 17.27 -6.53
C THR B 192 9.19 17.29 -5.24
N PRO B 193 9.06 16.24 -4.40
CA PRO B 193 9.80 16.21 -3.14
C PRO B 193 11.30 16.38 -3.24
N PRO B 194 11.92 15.86 -4.30
CA PRO B 194 13.37 16.06 -4.46
C PRO B 194 13.80 17.51 -4.67
N VAL B 195 12.99 18.30 -5.36
CA VAL B 195 13.26 19.72 -5.55
C VAL B 195 13.06 20.49 -4.25
N VAL B 196 11.93 20.26 -3.60
CA VAL B 196 11.70 20.89 -2.33
C VAL B 196 12.86 20.58 -1.38
N ALA B 197 13.38 19.35 -1.42
CA ALA B 197 14.48 18.97 -0.54
C ALA B 197 15.72 19.79 -0.87
N CYS B 198 15.94 20.04 -2.15
CA CYS B 198 17.06 20.87 -2.56
C CYS B 198 16.89 22.28 -2.07
N VAL B 199 15.67 22.81 -2.17
CA VAL B 199 15.37 24.14 -1.63
C VAL B 199 15.69 24.30 -0.13
N CYS B 200 15.33 23.30 0.66
CA CYS B 200 15.52 23.30 2.11
C CYS B 200 16.99 23.23 2.49
N ILE B 201 17.71 22.33 1.84
CA ILE B 201 19.15 22.28 2.01
C ILE B 201 19.86 23.60 1.61
N HIS B 202 19.41 24.20 0.52
CA HIS B 202 20.02 25.43 0.04
C HIS B 202 19.90 26.54 1.11
N LEU B 203 18.66 26.83 1.53
CA LEU B 203 18.39 27.81 2.60
C LEU B 203 19.09 27.48 3.93
N ALA B 204 19.15 26.19 4.26
CA ALA B 204 19.82 25.77 5.48
C ALA B 204 21.31 26.13 5.36
N CYS B 205 21.88 25.89 4.18
CA CYS B 205 23.27 26.27 3.93
C CYS B 205 23.43 27.77 4.06
N LYS B 206 22.58 28.54 3.39
CA LYS B 206 22.61 29.99 3.51
C LYS B 206 22.48 30.49 4.96
N TRP B 207 21.59 29.87 5.70
CA TRP B 207 21.29 30.26 7.08
C TRP B 207 22.49 29.99 8.01
N SER B 208 23.26 28.93 7.73
CA SER B 208 24.41 28.56 8.55
C SER B 208 25.71 29.06 7.95
N ASN B 209 25.66 29.82 6.86
CA ASN B 209 26.89 30.20 6.14
C ASN B 209 27.83 29.06 5.84
N TRP B 210 27.26 27.99 5.29
CA TRP B 210 27.98 26.83 4.83
C TRP B 210 27.97 26.94 3.31
N GLU B 211 29.08 26.57 2.67
CA GLU B 211 29.12 26.49 1.21
C GLU B 211 29.69 25.15 0.74
N ILE B 212 28.92 24.41 -0.07
CA ILE B 212 29.38 23.14 -0.61
C ILE B 212 30.14 23.22 -1.97
N HIS B 220 27.72 21.24 -9.47
CA HIS B 220 26.98 21.71 -8.29
C HIS B 220 26.27 20.55 -7.59
N TRP B 221 26.12 20.61 -6.27
CA TRP B 221 25.52 19.48 -5.55
C TRP B 221 24.10 19.03 -6.04
N TRP B 222 23.24 20.00 -6.36
CA TRP B 222 21.85 19.68 -6.69
C TRP B 222 21.65 18.91 -7.99
N GLU B 223 22.62 18.98 -8.91
CA GLU B 223 22.47 18.30 -10.19
C GLU B 223 22.49 16.78 -10.02
N TYR B 224 22.98 16.31 -8.88
CA TYR B 224 23.03 14.88 -8.58
C TYR B 224 21.72 14.45 -7.96
N VAL B 225 20.85 15.41 -7.66
CA VAL B 225 19.57 15.18 -6.95
C VAL B 225 18.33 15.32 -7.85
N ASP B 226 18.38 16.27 -8.76
CA ASP B 226 17.28 16.49 -9.69
C ASP B 226 17.78 17.23 -10.93
N ALA B 227 17.47 16.69 -12.11
CA ALA B 227 18.04 17.18 -13.35
C ALA B 227 17.42 18.54 -13.75
N THR B 228 16.18 18.75 -13.33
CA THR B 228 15.44 19.98 -13.63
C THR B 228 15.94 21.22 -12.88
N VAL B 229 16.46 21.00 -11.67
CA VAL B 229 16.83 22.09 -10.75
C VAL B 229 17.92 23.06 -11.25
N THR B 230 17.62 24.34 -11.13
CA THR B 230 18.56 25.41 -11.47
C THR B 230 18.75 26.35 -10.30
N LEU B 231 19.93 26.97 -10.23
CA LEU B 231 20.23 27.92 -9.17
C LEU B 231 19.25 29.08 -9.21
N GLU B 232 18.85 29.46 -10.42
CA GLU B 232 17.84 30.49 -10.61
C GLU B 232 16.61 30.11 -9.78
N LEU B 233 16.13 28.88 -9.96
CA LEU B 233 14.98 28.37 -9.20
C LEU B 233 15.20 28.23 -7.70
N LEU B 234 16.31 27.61 -7.31
CA LEU B 234 16.68 27.52 -5.89
C LEU B 234 16.63 28.87 -5.16
N ASP B 235 17.23 29.91 -5.73
CA ASP B 235 17.22 31.20 -5.05
C ASP B 235 15.83 31.82 -5.00
N GLU B 236 15.03 31.58 -6.04
CA GLU B 236 13.69 32.14 -6.07
C GLU B 236 12.88 31.54 -4.96
N LEU B 237 13.03 30.23 -4.80
CA LEU B 237 12.25 29.47 -3.82
C LEU B 237 12.70 29.66 -2.37
N THR B 238 14.01 29.68 -2.13
CA THR B 238 14.50 29.95 -0.77
C THR B 238 14.07 31.34 -0.34
N HIS B 239 14.00 32.26 -1.26
CA HIS B 239 13.56 33.58 -0.86
C HIS B 239 12.10 33.60 -0.42
N GLU B 240 11.22 32.94 -1.17
CA GLU B 240 9.81 32.86 -0.83
C GLU B 240 9.64 32.22 0.53
N LEU B 241 10.32 31.10 0.70
CA LEU B 241 10.31 30.38 1.97
C LEU B 241 10.90 31.19 3.12
N LEU B 242 12.08 31.79 2.96
CA LEU B 242 12.64 32.61 4.04
C LEU B 242 11.71 33.74 4.50
N GLN B 243 10.97 34.33 3.58
CA GLN B 243 10.06 35.40 3.91
C GLN B 243 8.93 35.00 4.85
N ILE B 244 8.28 33.86 4.58
CA ILE B 244 7.17 33.42 5.39
C ILE B 244 7.74 32.99 6.73
N LEU B 245 8.94 32.42 6.71
CA LEU B 245 9.63 32.10 7.95
C LEU B 245 9.86 33.37 8.79
N GLU B 246 10.29 34.46 8.15
CA GLU B 246 10.44 35.75 8.84
C GLU B 246 9.12 36.30 9.30
N LYS B 247 8.02 35.91 8.65
CA LYS B 247 6.72 36.43 9.08
C LYS B 247 6.12 35.59 10.20
N THR B 248 6.73 34.44 10.48
CA THR B 248 6.26 33.49 11.49
C THR B 248 6.96 33.59 12.84
N PRO B 249 6.25 34.19 13.82
CA PRO B 249 6.72 34.56 15.17
C PRO B 249 7.38 33.38 15.82
N ASN B 250 8.60 33.55 16.31
CA ASN B 250 9.32 32.50 17.05
C ASN B 250 9.84 31.33 16.27
N ARG B 251 9.46 31.23 15.00
CA ARG B 251 9.83 30.07 14.19
C ARG B 251 11.34 30.09 13.91
N LEU B 252 11.86 31.24 13.48
CA LEU B 252 13.27 31.31 13.19
C LEU B 252 14.14 31.25 14.46
N LYS B 253 13.61 31.70 15.59
CA LYS B 253 14.35 31.63 16.86
C LYS B 253 14.89 30.21 17.08
N ARG B 254 14.10 29.22 16.66
CA ARG B 254 14.46 27.80 16.78
C ARG B 254 15.74 27.37 16.10
N ILE B 255 16.12 28.04 15.02
CA ILE B 255 17.35 27.68 14.33
C ILE B 255 18.40 28.77 14.44
N TRP B 256 18.15 29.80 15.25
CA TRP B 256 19.06 30.94 15.36
C TRP B 256 20.27 30.62 16.23
N ASN B 257 21.49 30.85 15.71
CA ASN B 257 22.69 30.63 16.52
C ASN B 257 22.94 31.79 17.50
N TRP B 258 22.70 31.49 18.77
CA TRP B 258 22.60 32.50 19.80
C TRP B 258 23.89 32.71 20.56
N ARG B 259 24.92 31.98 20.16
CA ARG B 259 26.20 31.95 20.88
C ARG B 259 27.11 33.09 20.45
#